data_8YRY
#
_entry.id   8YRY
#
loop_
_entity.id
_entity.type
_entity.pdbx_description
1 polymer 'Receptor tyrosine-protein kinase erbB-3'
2 polymer 'fab Hu3f8 heavy chain'
3 polymer 'fab Hu3f8 light chain'
#
loop_
_entity_poly.entity_id
_entity_poly.type
_entity_poly.pdbx_seq_one_letter_code
_entity_poly.pdbx_strand_id
1 'polypeptide(L)'
;NADLSFLQWIREVTGYVLVAMNEFSTLPLPNLRVVRGTQVYDGKFAIFVMLNYNTNSSHALRQLRLTQLTEILSGGVYIE
KNDKLCHMDTIDWRDIVRDRDAEIVVKDNGRSCPPCHEVCKGRCWGPGSEDCQTL
;
A
2 'polypeptide(L)'
;QVQLQESGPGLVKPSETLSLTCTVSGYSITSAYYWNWIRQPFGKGLEWMGYISYDGRNNFNPSLKNRVTISRDTSKNQFS
LKLSSVTAADTAVYYCARDGDYDAFDYWGQGTTVTVSSASTKGPSVFPLAPSSKSTSGGTAALGCLVKDYFPEPVTVSWN
SGALTSGVHTFPAVLQSSGLYSLSSVVTVPSSSLGTQTYICNVNHKPSNTKVDKKVEPKS
;
H
3 'polypeptide(L)'
;DIQMTQSPSSLSASVGDRVTITCRASQDISNYLNWYQQKPGKAPKLLIYYTSILHSGVPSRFSGSGSGTDYTFTISSLQP
EDIATYFCQQGDTLPPTFGGGTKLEIKRTVAAPSVFIFPPSDEQLKSGTASVVCLLNNFYPREAKVQWKVDNALQSGNSQ
ESVTEQDSKDSTYSLSSTLTLSKADYEKHKVYACEVTHQGLSSPVTKSFNRGEC
;
L
#
# COMPACT_ATOMS: atom_id res chain seq x y z
N ASN A 1 -6.12 -0.18 29.90
CA ASN A 1 -7.53 -0.47 29.66
C ASN A 1 -8.41 0.28 30.67
N ALA A 2 -7.91 0.44 31.88
CA ALA A 2 -8.61 1.13 32.95
C ALA A 2 -7.70 2.21 33.52
N ASP A 3 -8.19 2.92 34.53
CA ASP A 3 -7.43 3.98 35.18
C ASP A 3 -6.78 3.42 36.44
N LEU A 4 -5.46 3.29 36.40
CA LEU A 4 -4.70 2.80 37.53
C LEU A 4 -3.53 3.72 37.87
N SER A 5 -3.62 5.00 37.51
CA SER A 5 -2.54 5.94 37.74
C SER A 5 -2.26 6.19 39.22
N PHE A 6 -3.18 5.82 40.11
CA PHE A 6 -2.95 6.03 41.53
C PHE A 6 -2.13 4.96 42.24
N LEU A 7 -0.95 4.67 41.68
CA LEU A 7 0.08 3.84 42.27
C LEU A 7 1.54 4.16 41.84
N GLN A 8 1.67 5.25 41.08
CA GLN A 8 2.97 5.66 40.56
C GLN A 8 3.66 6.26 41.78
N TRP A 9 2.90 6.65 42.80
CA TRP A 9 3.46 7.22 44.01
C TRP A 9 3.81 6.13 45.02
N ILE A 10 3.64 4.86 44.65
CA ILE A 10 4.06 3.76 45.51
C ILE A 10 5.55 3.50 45.32
N ARG A 11 6.30 3.58 46.41
CA ARG A 11 7.76 3.40 46.39
C ARG A 11 8.22 2.22 47.22
N GLU A 12 7.41 1.78 48.19
CA GLU A 12 7.80 0.72 49.11
C GLU A 12 6.66 -0.29 49.23
N VAL A 13 7.04 -1.51 49.62
CA VAL A 13 6.07 -2.58 49.82
C VAL A 13 6.17 -3.12 51.25
N ASN A 22 -6.51 -6.55 35.27
CA ASN A 22 -5.14 -6.92 34.95
C ASN A 22 -5.02 -7.37 33.49
N GLU A 23 -6.09 -7.15 32.73
CA GLU A 23 -6.12 -7.48 31.31
C GLU A 23 -5.53 -6.37 30.43
N PHE A 24 -5.13 -5.25 31.03
CA PHE A 24 -4.61 -4.12 30.27
C PHE A 24 -3.23 -4.41 29.69
N SER A 25 -2.65 -3.43 29.01
CA SER A 25 -1.39 -3.63 28.29
C SER A 25 -0.17 -3.35 29.16
N THR A 26 -0.07 -2.14 29.68
CA THR A 26 1.13 -1.77 30.42
C THR A 26 0.84 -1.70 31.93
N LEU A 27 1.84 -2.08 32.72
CA LEU A 27 1.82 -1.92 34.17
C LEU A 27 2.77 -0.80 34.53
N PRO A 28 2.30 0.45 34.51
CA PRO A 28 3.22 1.58 34.72
C PRO A 28 3.66 1.66 36.18
N LEU A 29 4.97 1.59 36.38
CA LEU A 29 5.56 1.75 37.71
C LEU A 29 6.98 2.28 37.58
N PRO A 30 7.18 3.52 37.13
CA PRO A 30 8.53 4.07 37.00
C PRO A 30 9.09 4.68 38.27
N ASN A 31 8.36 4.59 39.39
CA ASN A 31 8.80 5.13 40.66
C ASN A 31 8.74 4.08 41.76
N LEU A 32 9.27 2.88 41.48
CA LEU A 32 9.38 1.81 42.47
C LEU A 32 10.77 1.20 42.31
N ARG A 33 11.63 1.39 43.32
CA ARG A 33 13.03 1.05 43.21
C ARG A 33 13.47 -0.12 44.09
N VAL A 34 12.83 -0.33 45.24
CA VAL A 34 13.26 -1.35 46.19
C VAL A 34 12.08 -2.25 46.52
N VAL A 35 12.29 -3.56 46.41
CA VAL A 35 11.30 -4.56 46.76
C VAL A 35 11.95 -5.59 47.68
N ARG A 36 11.20 -6.00 48.70
CA ARG A 36 11.68 -7.02 49.62
C ARG A 36 10.84 -8.29 49.52
N GLY A 37 9.52 -8.14 49.37
CA GLY A 37 8.65 -9.25 49.08
C GLY A 37 8.62 -10.37 50.10
N THR A 38 8.50 -10.02 51.37
CA THR A 38 8.46 -11.02 52.44
C THR A 38 7.24 -11.93 52.30
N ASN A 56 -9.51 -16.10 25.12
CA ASN A 56 -8.85 -15.44 24.01
C ASN A 56 -7.36 -15.25 24.27
N SER A 57 -7.04 -14.33 25.18
CA SER A 57 -5.65 -13.98 25.49
C SER A 57 -4.92 -13.48 24.24
N SER A 58 -5.68 -12.98 23.27
CA SER A 58 -5.12 -12.41 22.05
C SER A 58 -4.67 -10.97 22.23
N HIS A 59 -5.00 -10.35 23.38
CA HIS A 59 -4.61 -8.97 23.67
C HIS A 59 -4.39 -8.90 25.18
N ALA A 60 -3.15 -9.05 25.60
CA ALA A 60 -2.79 -9.12 27.01
C ALA A 60 -1.69 -8.12 27.33
N LEU A 61 -1.19 -8.21 28.57
CA LEU A 61 -0.12 -7.32 29.01
C LEU A 61 1.13 -7.52 28.18
N ARG A 62 1.78 -6.41 27.83
CA ARG A 62 2.94 -6.47 26.95
C ARG A 62 4.15 -5.72 27.48
N GLN A 63 4.03 -4.96 28.56
CA GLN A 63 5.16 -4.16 29.02
C GLN A 63 5.16 -4.11 30.54
N LEU A 64 6.21 -4.68 31.15
CA LEU A 64 6.46 -4.52 32.58
C LEU A 64 7.27 -3.25 32.76
N ARG A 65 6.62 -2.19 33.26
CA ARG A 65 7.24 -0.87 33.35
C ARG A 65 7.80 -0.70 34.76
N LEU A 66 8.99 -1.25 34.97
CA LEU A 66 9.78 -1.08 36.19
C LEU A 66 11.14 -0.47 35.85
N THR A 67 11.11 0.63 35.08
CA THR A 67 12.31 1.21 34.52
C THR A 67 13.39 1.50 35.56
N GLN A 68 13.00 2.14 36.66
CA GLN A 68 13.93 2.47 37.73
C GLN A 68 13.80 1.39 38.81
N LEU A 69 14.47 0.27 38.58
CA LEU A 69 14.47 -0.85 39.51
C LEU A 69 15.91 -1.33 39.65
N THR A 70 16.59 -0.90 40.71
CA THR A 70 18.00 -1.17 40.88
C THR A 70 18.32 -2.08 42.06
N GLU A 71 17.33 -2.46 42.88
CA GLU A 71 17.60 -3.30 44.04
C GLU A 71 16.38 -4.19 44.27
N ILE A 72 16.47 -5.43 43.78
CA ILE A 72 15.43 -6.42 44.01
C ILE A 72 15.59 -7.17 45.32
N LEU A 73 16.74 -7.01 45.99
CA LEU A 73 17.09 -7.78 47.20
C LEU A 73 17.10 -9.24 46.80
N SER A 74 16.30 -10.11 47.42
CA SER A 74 16.19 -11.49 46.94
C SER A 74 15.53 -11.51 45.57
N GLY A 75 16.00 -12.40 44.71
CA GLY A 75 15.47 -12.45 43.35
C GLY A 75 13.97 -12.74 43.33
N GLY A 76 13.60 -13.97 43.67
CA GLY A 76 12.21 -14.35 43.82
C GLY A 76 11.35 -14.05 42.61
N VAL A 77 11.94 -14.10 41.42
CA VAL A 77 11.24 -13.76 40.18
C VAL A 77 10.63 -15.05 39.64
N TYR A 78 9.30 -15.12 39.66
CA TYR A 78 8.55 -16.26 39.16
C TYR A 78 7.56 -15.88 38.07
N ILE A 79 7.64 -14.66 37.54
CA ILE A 79 6.71 -14.21 36.52
C ILE A 79 7.05 -14.92 35.21
N GLU A 80 6.09 -15.70 34.71
CA GLU A 80 6.31 -16.57 33.56
C GLU A 80 5.04 -16.67 32.73
N LYS A 81 5.20 -16.97 31.45
CA LYS A 81 4.13 -17.35 30.52
C LYS A 81 2.98 -16.34 30.47
N ASN A 82 3.31 -15.06 30.34
CA ASN A 82 2.30 -14.02 30.14
C ASN A 82 1.88 -13.91 28.68
N ASP A 83 2.58 -14.61 27.78
CA ASP A 83 2.19 -14.84 26.39
C ASP A 83 2.39 -13.58 25.54
N LYS A 84 2.60 -12.43 26.18
CA LYS A 84 2.96 -11.23 25.44
C LYS A 84 3.95 -10.33 26.16
N LEU A 85 4.46 -10.72 27.33
CA LEU A 85 5.32 -9.83 28.10
C LEU A 85 6.70 -9.70 27.45
N CYS A 86 6.94 -8.57 26.81
CA CYS A 86 8.21 -8.35 26.13
C CYS A 86 9.25 -7.75 27.08
N HIS A 87 10.52 -7.95 26.72
CA HIS A 87 11.67 -7.41 27.44
C HIS A 87 11.72 -7.90 28.88
N MET A 88 11.68 -9.22 29.02
CA MET A 88 11.87 -9.84 30.34
C MET A 88 13.01 -10.85 30.25
N ASP A 89 13.20 -11.43 29.06
CA ASP A 89 14.33 -12.30 28.82
C ASP A 89 15.62 -11.51 28.70
N THR A 90 15.55 -10.27 28.21
CA THR A 90 16.72 -9.43 28.05
C THR A 90 17.09 -8.65 29.29
N ILE A 91 16.34 -8.82 30.38
CA ILE A 91 16.64 -8.18 31.66
C ILE A 91 17.36 -9.14 32.57
N ASP A 92 18.55 -8.74 33.03
CA ASP A 92 19.37 -9.58 33.90
C ASP A 92 19.06 -9.24 35.36
N TRP A 93 18.55 -10.21 36.09
CA TRP A 93 18.19 -10.01 37.49
C TRP A 93 19.39 -10.30 38.40
N ASP A 108 9.50 -17.75 27.23
CA ASP A 108 8.16 -18.28 27.42
C ASP A 108 7.18 -17.16 27.73
N ASN A 109 7.71 -15.96 27.97
CA ASN A 109 6.90 -14.78 28.26
C ASN A 109 6.43 -14.09 26.99
N GLY A 110 7.34 -13.77 26.08
CA GLY A 110 6.97 -13.27 24.77
C GLY A 110 8.02 -13.65 23.76
N ARG A 111 7.61 -14.33 22.69
CA ARG A 111 8.54 -14.85 21.70
C ARG A 111 8.66 -13.98 20.46
N SER A 112 7.82 -12.96 20.31
CA SER A 112 7.91 -12.01 19.21
C SER A 112 7.97 -10.62 19.82
N CYS A 113 9.17 -10.08 19.96
CA CYS A 113 9.39 -8.83 20.68
C CYS A 113 10.31 -7.92 19.88
N PRO A 114 10.22 -6.61 20.08
CA PRO A 114 11.09 -5.69 19.38
C PRO A 114 12.41 -5.55 20.11
N PRO A 115 13.47 -5.11 19.42
CA PRO A 115 14.78 -5.00 20.09
C PRO A 115 14.85 -3.77 20.98
N CYS A 116 15.68 -3.88 22.01
CA CYS A 116 15.97 -2.72 22.84
C CYS A 116 16.80 -1.71 22.03
N HIS A 117 16.92 -0.50 22.58
CA HIS A 117 17.71 0.52 21.92
C HIS A 117 19.18 0.13 21.94
N GLU A 118 19.85 0.26 20.79
CA GLU A 118 21.25 -0.13 20.71
C GLU A 118 22.13 0.71 21.63
N VAL A 119 21.71 1.95 21.91
CA VAL A 119 22.39 2.75 22.91
C VAL A 119 22.12 2.12 24.28
N CYS A 120 20.97 1.47 24.42
CA CYS A 120 20.57 0.85 25.69
C CYS A 120 21.28 -0.49 25.96
N LYS A 121 21.98 -1.02 24.96
CA LYS A 121 22.91 -2.15 25.07
C LYS A 121 22.20 -3.39 25.62
N GLY A 122 20.93 -3.57 25.25
CA GLY A 122 20.27 -4.85 25.44
C GLY A 122 19.78 -5.14 26.84
N ARG A 123 19.73 -4.16 27.72
CA ARG A 123 19.14 -4.32 29.05
C ARG A 123 18.03 -3.28 29.17
N CYS A 124 16.82 -3.66 28.76
CA CYS A 124 15.72 -2.71 28.61
C CYS A 124 14.45 -3.28 29.22
N TRP A 125 13.66 -2.41 29.84
CA TRP A 125 12.29 -2.72 30.23
C TRP A 125 11.27 -2.27 29.19
N GLY A 126 11.73 -1.70 28.08
CA GLY A 126 10.85 -1.21 27.05
C GLY A 126 11.60 -0.82 25.80
N PRO A 127 10.89 -0.31 24.80
CA PRO A 127 11.52 -0.02 23.51
C PRO A 127 12.26 1.30 23.45
N GLY A 128 12.23 2.10 24.51
CA GLY A 128 12.79 3.42 24.48
C GLY A 128 14.06 3.51 25.33
N SER A 129 14.86 4.53 25.03
CA SER A 129 16.11 4.79 25.74
C SER A 129 15.99 4.96 27.25
N GLU A 130 14.88 5.55 27.70
CA GLU A 130 14.65 5.76 29.12
C GLU A 130 13.99 4.55 29.83
N ASP A 131 14.10 3.37 29.22
CA ASP A 131 13.43 2.17 29.70
C ASP A 131 14.50 1.14 30.06
N CYS A 132 15.71 1.58 30.38
CA CYS A 132 16.81 0.67 30.64
C CYS A 132 16.85 0.12 32.06
N GLN A 133 17.89 -0.66 32.37
CA GLN A 133 18.21 -1.13 33.70
C GLN A 133 19.60 -0.89 34.20
N THR A 134 19.78 -0.83 35.52
CA THR A 134 21.08 -0.58 36.13
C THR A 134 21.25 -1.58 37.26
N LEU A 135 22.13 -2.56 37.05
CA LEU A 135 22.46 -3.55 38.08
C LEU A 135 23.71 -4.32 37.68
N GLN B 1 16.68 -12.20 7.33
CA GLN B 1 15.95 -12.05 6.08
C GLN B 1 14.60 -12.75 6.15
N VAL B 2 13.54 -11.95 6.24
CA VAL B 2 12.17 -12.45 6.30
C VAL B 2 11.40 -11.90 5.11
N GLN B 3 10.75 -12.79 4.35
CA GLN B 3 9.96 -12.39 3.20
C GLN B 3 8.71 -13.26 3.13
N LEU B 4 7.57 -12.64 2.83
CA LEU B 4 6.30 -13.33 2.72
C LEU B 4 5.74 -13.14 1.32
N GLN B 5 5.01 -14.15 0.83
CA GLN B 5 4.48 -14.07 -0.52
C GLN B 5 3.19 -14.88 -0.57
N GLU B 6 2.19 -14.39 -1.31
CA GLU B 6 0.88 -15.00 -1.35
C GLU B 6 0.55 -15.53 -2.74
N SER B 7 -0.25 -16.59 -2.78
CA SER B 7 -0.68 -17.19 -4.03
C SER B 7 -2.14 -17.63 -3.92
N GLY B 8 -2.82 -17.68 -5.07
CA GLY B 8 -4.19 -18.13 -5.12
C GLY B 8 -4.90 -17.71 -6.39
N PRO B 9 -6.14 -18.14 -6.54
CA PRO B 9 -6.91 -17.77 -7.73
C PRO B 9 -7.29 -16.30 -7.72
N GLY B 10 -7.54 -15.77 -8.92
CA GLY B 10 -7.89 -14.37 -9.06
C GLY B 10 -9.34 -14.08 -8.74
N LEU B 11 -10.26 -14.77 -9.40
CA LEU B 11 -11.69 -14.58 -9.18
C LEU B 11 -12.23 -15.64 -8.23
N VAL B 12 -13.40 -15.36 -7.67
CA VAL B 12 -14.12 -16.33 -6.87
C VAL B 12 -15.61 -16.05 -6.95
N LYS B 13 -16.39 -17.06 -7.34
CA LYS B 13 -17.83 -16.91 -7.42
C LYS B 13 -18.42 -16.78 -6.01
N PRO B 14 -19.53 -16.05 -5.88
CA PRO B 14 -20.16 -15.88 -4.56
C PRO B 14 -20.70 -17.19 -3.97
N SER B 15 -20.56 -18.30 -4.70
CA SER B 15 -21.00 -19.60 -4.22
C SER B 15 -19.82 -20.42 -3.73
N GLU B 16 -18.63 -20.24 -4.30
CA GLU B 16 -17.45 -20.98 -3.87
C GLU B 16 -16.70 -20.26 -2.76
N THR B 17 -15.55 -20.79 -2.37
CA THR B 17 -14.77 -20.28 -1.25
C THR B 17 -13.42 -19.85 -1.81
N LEU B 18 -13.03 -18.61 -1.52
CA LEU B 18 -11.72 -18.12 -1.94
C LEU B 18 -10.63 -18.66 -1.02
N SER B 19 -9.56 -19.17 -1.60
CA SER B 19 -8.43 -19.72 -0.85
C SER B 19 -7.16 -18.97 -1.22
N LEU B 20 -6.41 -18.54 -0.21
CA LEU B 20 -5.14 -17.86 -0.40
C LEU B 20 -4.10 -18.56 0.45
N THR B 21 -2.86 -18.62 -0.03
CA THR B 21 -1.78 -19.28 0.69
C THR B 21 -0.62 -18.32 0.84
N CYS B 22 -0.18 -18.10 2.07
CA CYS B 22 1.00 -17.29 2.35
C CYS B 22 2.16 -18.21 2.73
N THR B 23 3.30 -17.99 2.08
CA THR B 23 4.52 -18.72 2.36
C THR B 23 5.63 -17.74 2.72
N VAL B 24 6.43 -18.13 3.70
CA VAL B 24 7.53 -17.30 4.19
C VAL B 24 8.83 -17.82 3.58
N SER B 25 9.32 -17.11 2.55
CA SER B 25 10.54 -17.51 1.87
C SER B 25 11.79 -17.21 2.69
N GLY B 26 11.67 -16.43 3.77
CA GLY B 26 12.79 -16.14 4.62
C GLY B 26 13.12 -17.20 5.65
N TYR B 27 12.35 -18.29 5.66
CA TYR B 27 12.56 -19.41 6.58
C TYR B 27 12.60 -18.94 8.03
N SER B 28 11.79 -17.91 8.32
CA SER B 28 11.78 -17.30 9.64
C SER B 28 10.60 -17.74 10.49
N ILE B 29 9.87 -18.78 10.08
CA ILE B 29 8.73 -19.24 10.86
C ILE B 29 9.23 -20.14 11.98
N THR B 30 8.97 -19.74 13.22
CA THR B 30 9.25 -20.49 14.42
C THR B 30 8.00 -20.84 15.21
N SER B 31 8.16 -21.37 16.42
CA SER B 31 7.01 -21.60 17.29
C SER B 31 7.00 -20.35 18.17
N ALA B 32 7.10 -19.20 17.51
CA ALA B 32 7.19 -17.93 18.21
C ALA B 32 6.16 -16.89 17.78
N TYR B 33 5.92 -16.78 16.47
CA TYR B 33 5.39 -15.56 15.91
C TYR B 33 3.90 -15.66 15.60
N TYR B 34 3.33 -14.53 15.20
CA TYR B 34 1.95 -14.43 14.73
C TYR B 34 1.95 -13.97 13.28
N TRP B 35 1.16 -14.64 12.44
CA TRP B 35 1.08 -14.33 11.02
C TRP B 35 -0.38 -14.12 10.62
N ASN B 36 -0.67 -12.96 10.04
CA ASN B 36 -2.04 -12.46 9.97
C ASN B 36 -2.38 -12.02 8.55
N TRP B 37 -3.67 -11.78 8.34
CA TRP B 37 -4.23 -11.45 7.04
C TRP B 37 -4.93 -10.10 7.10
N ILE B 38 -4.64 -9.25 6.10
CA ILE B 38 -5.06 -7.86 6.08
C ILE B 38 -5.68 -7.57 4.71
N ARG B 39 -6.78 -6.81 4.71
CA ARG B 39 -7.55 -6.55 3.50
C ARG B 39 -7.55 -5.06 3.19
N GLN B 40 -7.44 -4.72 1.91
CA GLN B 40 -7.50 -3.33 1.46
C GLN B 40 -8.46 -3.22 0.28
N PRO B 41 -9.69 -2.76 0.50
CA PRO B 41 -10.56 -2.43 -0.63
C PRO B 41 -10.01 -1.24 -1.40
N PHE B 42 -10.31 -1.22 -2.69
CA PHE B 42 -9.76 -0.19 -3.57
C PHE B 42 -10.26 1.19 -3.15
N GLY B 43 -9.33 2.07 -2.82
CA GLY B 43 -9.67 3.40 -2.34
C GLY B 43 -10.36 3.41 -0.99
N LYS B 44 -9.97 2.49 -0.10
CA LYS B 44 -10.56 2.39 1.23
C LYS B 44 -9.43 2.19 2.23
N GLY B 45 -9.80 1.87 3.47
CA GLY B 45 -8.85 1.62 4.54
C GLY B 45 -8.39 0.19 4.58
N LEU B 46 -7.76 -0.18 5.69
CA LEU B 46 -7.23 -1.53 5.90
C LEU B 46 -8.04 -2.25 6.95
N GLU B 47 -8.68 -3.35 6.56
CA GLU B 47 -9.32 -4.26 7.49
C GLU B 47 -8.29 -5.26 7.99
N TRP B 48 -8.73 -6.19 8.83
CA TRP B 48 -7.81 -7.18 9.38
C TRP B 48 -8.60 -8.42 9.74
N MET B 49 -8.34 -9.54 9.05
CA MET B 49 -9.10 -10.76 9.27
C MET B 49 -8.73 -11.40 10.60
N GLY B 50 -7.47 -11.82 10.73
CA GLY B 50 -7.03 -12.51 11.91
C GLY B 50 -5.64 -13.06 11.68
N TYR B 51 -5.09 -13.66 12.73
CA TYR B 51 -3.76 -14.23 12.69
C TYR B 51 -3.81 -15.69 13.09
N ILE B 52 -2.69 -16.37 12.89
CA ILE B 52 -2.47 -17.71 13.41
C ILE B 52 -1.15 -17.69 14.16
N SER B 53 -1.18 -18.05 15.44
CA SER B 53 0.03 -18.08 16.24
C SER B 53 0.78 -19.39 15.99
N TYR B 54 1.78 -19.64 16.84
CA TYR B 54 2.50 -20.91 16.77
C TYR B 54 1.57 -22.08 17.08
N ASP B 55 0.74 -21.95 18.11
CA ASP B 55 -0.24 -22.99 18.40
C ASP B 55 -1.35 -23.00 17.36
N GLY B 56 -1.93 -21.83 17.06
CA GLY B 56 -3.05 -21.74 16.14
C GLY B 56 -4.33 -21.46 16.88
N ARG B 57 -5.09 -20.47 16.41
CA ARG B 57 -6.34 -20.08 17.06
C ARG B 57 -7.44 -19.94 16.01
N ASN B 58 -8.66 -19.78 16.48
CA ASN B 58 -9.85 -19.73 15.63
C ASN B 58 -9.94 -18.35 14.98
N ASN B 59 -11.07 -18.10 14.30
CA ASN B 59 -11.25 -16.87 13.54
C ASN B 59 -11.30 -15.64 14.44
N PHE B 60 -10.97 -14.50 13.87
CA PHE B 60 -10.97 -13.23 14.58
C PHE B 60 -11.80 -12.21 13.81
N ASN B 61 -11.73 -10.95 14.25
CA ASN B 61 -12.47 -9.84 13.64
C ASN B 61 -13.96 -10.18 13.53
N PRO B 62 -14.71 -10.10 14.65
CA PRO B 62 -16.10 -10.58 14.67
C PRO B 62 -16.95 -10.18 13.48
N SER B 63 -16.56 -9.11 12.77
CA SER B 63 -17.24 -8.76 11.53
C SER B 63 -17.12 -9.89 10.50
N LEU B 64 -15.94 -10.48 10.39
CA LEU B 64 -15.72 -11.63 9.52
C LEU B 64 -15.88 -12.92 10.32
N LYS B 65 -17.14 -13.22 10.64
CA LYS B 65 -17.48 -14.38 11.44
C LYS B 65 -17.99 -15.51 10.55
N ASN B 66 -17.49 -16.73 10.82
CA ASN B 66 -17.87 -17.93 10.08
C ASN B 66 -17.53 -17.80 8.60
N ARG B 67 -16.63 -16.87 8.26
CA ARG B 67 -16.17 -16.71 6.89
C ARG B 67 -14.66 -16.77 6.74
N VAL B 68 -13.90 -16.30 7.73
CA VAL B 68 -12.44 -16.33 7.69
C VAL B 68 -11.96 -17.54 8.48
N THR B 69 -11.17 -18.39 7.82
CA THR B 69 -10.51 -19.49 8.51
C THR B 69 -9.03 -19.52 8.11
N ILE B 70 -8.20 -19.96 9.05
CA ILE B 70 -6.76 -20.03 8.86
C ILE B 70 -6.27 -21.42 9.17
N SER B 71 -5.34 -21.92 8.35
CA SER B 71 -4.79 -23.25 8.55
C SER B 71 -3.26 -23.18 8.53
N ARG B 72 -2.65 -24.29 8.97
CA ARG B 72 -1.20 -24.41 9.07
C ARG B 72 -0.78 -25.78 8.58
N ASP B 73 0.41 -25.85 7.97
CA ASP B 73 0.94 -27.11 7.47
C ASP B 73 2.27 -27.51 8.09
N THR B 74 3.15 -26.56 8.39
CA THR B 74 4.47 -26.73 9.00
C THR B 74 5.45 -27.49 8.10
N SER B 75 5.03 -27.92 6.91
CA SER B 75 5.93 -28.68 6.04
C SER B 75 6.66 -27.75 5.07
N LYS B 76 5.89 -26.99 4.27
CA LYS B 76 6.45 -26.05 3.32
C LYS B 76 6.02 -24.62 3.63
N ASN B 77 5.71 -24.36 4.90
CA ASN B 77 5.45 -23.01 5.40
C ASN B 77 4.23 -22.38 4.72
N GLN B 78 3.10 -23.07 4.81
CA GLN B 78 1.85 -22.62 4.22
C GLN B 78 0.87 -22.19 5.31
N PHE B 79 0.36 -20.96 5.19
CA PHE B 79 -0.80 -20.53 5.93
C PHE B 79 -1.92 -20.24 4.94
N SER B 80 -2.99 -21.01 5.00
CA SER B 80 -4.09 -20.90 4.05
C SER B 80 -5.23 -20.16 4.71
N LEU B 81 -5.60 -19.02 4.13
CA LEU B 81 -6.79 -18.26 4.50
C LEU B 81 -7.94 -18.63 3.57
N LYS B 82 -9.08 -18.99 4.17
CA LYS B 82 -10.28 -19.34 3.42
C LYS B 82 -11.31 -18.36 3.96
N LEU B 83 -11.96 -17.64 3.04
CA LEU B 83 -13.15 -16.83 3.33
C LEU B 83 -14.27 -17.44 2.49
N SER B 84 -15.31 -17.92 3.17
CA SER B 84 -16.33 -18.73 2.54
C SER B 84 -17.56 -17.86 2.31
N SER B 85 -18.28 -18.13 1.23
CA SER B 85 -19.50 -17.41 0.88
C SER B 85 -19.22 -15.92 0.71
N VAL B 86 -18.32 -15.62 -0.23
CA VAL B 86 -17.98 -14.23 -0.54
C VAL B 86 -19.22 -13.50 -1.06
N THR B 87 -19.38 -12.24 -0.65
CA THR B 87 -20.59 -11.48 -0.91
C THR B 87 -20.31 -10.28 -1.81
N ALA B 88 -19.36 -10.42 -2.73
CA ALA B 88 -19.03 -9.47 -3.78
C ALA B 88 -18.42 -8.18 -3.26
N ALA B 89 -18.31 -8.00 -1.93
CA ALA B 89 -17.66 -6.83 -1.37
C ALA B 89 -16.19 -7.07 -1.07
N ASP B 90 -15.65 -8.23 -1.43
CA ASP B 90 -14.28 -8.61 -1.13
C ASP B 90 -13.32 -8.35 -2.28
N THR B 91 -13.68 -7.46 -3.21
CA THR B 91 -12.78 -7.08 -4.28
C THR B 91 -11.68 -6.19 -3.72
N ALA B 92 -10.56 -6.79 -3.31
CA ALA B 92 -9.57 -6.08 -2.52
C ALA B 92 -8.18 -6.65 -2.78
N VAL B 93 -7.18 -5.93 -2.30
CA VAL B 93 -5.80 -6.39 -2.26
C VAL B 93 -5.55 -6.99 -0.88
N TYR B 94 -5.02 -8.21 -0.86
CA TYR B 94 -4.85 -8.98 0.37
C TYR B 94 -3.37 -9.08 0.70
N TYR B 95 -3.04 -8.92 1.98
CA TYR B 95 -1.68 -8.98 2.47
C TYR B 95 -1.57 -10.01 3.58
N CYS B 96 -0.50 -10.79 3.55
CA CYS B 96 -0.12 -11.63 4.69
C CYS B 96 1.08 -11.00 5.36
N ALA B 97 1.00 -10.82 6.67
CA ALA B 97 2.00 -10.05 7.39
C ALA B 97 2.42 -10.79 8.66
N ARG B 98 3.53 -10.35 9.23
CA ARG B 98 4.01 -10.87 10.51
C ARG B 98 3.42 -10.01 11.63
N ASP B 99 3.72 -10.35 12.87
CA ASP B 99 3.14 -9.65 14.01
C ASP B 99 4.16 -9.60 15.14
N GLY B 100 3.71 -9.25 16.33
CA GLY B 100 4.56 -9.11 17.50
C GLY B 100 3.76 -8.64 18.70
N ASP B 101 4.30 -7.70 19.45
CA ASP B 101 3.53 -7.14 20.57
C ASP B 101 3.51 -5.61 20.51
N TYR B 102 4.64 -4.98 20.18
CA TYR B 102 4.71 -3.54 20.05
C TYR B 102 4.58 -2.98 18.64
N ASP B 103 5.55 -3.30 17.78
CA ASP B 103 5.47 -2.94 16.36
C ASP B 103 4.64 -4.06 15.74
N ALA B 104 3.41 -3.71 15.35
CA ALA B 104 2.44 -4.74 15.00
C ALA B 104 2.73 -5.48 13.71
N PHE B 105 3.21 -4.80 12.67
CA PHE B 105 3.44 -5.46 11.39
C PHE B 105 4.80 -5.08 10.83
N ASP B 106 5.54 -6.09 10.37
CA ASP B 106 6.95 -5.94 10.03
C ASP B 106 7.26 -5.99 8.54
N TYR B 107 6.71 -6.97 7.82
CA TYR B 107 7.11 -7.18 6.43
C TYR B 107 5.98 -7.18 5.41
N TRP B 108 4.77 -7.61 5.79
CA TRP B 108 3.56 -7.36 5.01
C TRP B 108 3.44 -8.18 3.74
N GLY B 109 4.47 -8.93 3.37
CA GLY B 109 4.41 -9.66 2.12
C GLY B 109 4.28 -8.72 0.94
N GLN B 110 3.47 -9.11 -0.05
CA GLN B 110 3.24 -8.28 -1.23
C GLN B 110 1.77 -8.03 -1.55
N GLY B 111 0.87 -8.98 -1.34
CA GLY B 111 -0.54 -8.74 -1.60
C GLY B 111 -1.01 -9.20 -2.96
N THR B 112 -2.17 -9.85 -3.00
CA THR B 112 -2.78 -10.33 -4.24
C THR B 112 -4.15 -9.69 -4.41
N THR B 113 -4.50 -9.39 -5.65
CA THR B 113 -5.77 -8.74 -5.95
C THR B 113 -6.83 -9.79 -6.23
N VAL B 114 -7.97 -9.69 -5.54
CA VAL B 114 -9.08 -10.62 -5.72
C VAL B 114 -10.35 -9.82 -6.02
N THR B 115 -11.04 -10.18 -7.10
CA THR B 115 -12.31 -9.57 -7.47
C THR B 115 -13.40 -10.63 -7.40
N VAL B 116 -14.48 -10.33 -6.69
CA VAL B 116 -15.56 -11.29 -6.48
C VAL B 116 -16.72 -10.94 -7.41
N SER B 117 -17.01 -11.82 -8.35
CA SER B 117 -18.14 -11.64 -9.24
C SER B 117 -18.41 -12.99 -9.91
N SER B 118 -19.49 -13.04 -10.67
CA SER B 118 -19.86 -14.24 -11.42
C SER B 118 -19.25 -14.28 -12.80
N ALA B 119 -18.58 -13.22 -13.24
CA ALA B 119 -17.97 -13.20 -14.55
C ALA B 119 -16.79 -14.16 -14.58
N SER B 120 -16.43 -14.60 -15.79
CA SER B 120 -15.35 -15.54 -15.99
C SER B 120 -14.06 -14.81 -16.34
N THR B 121 -12.94 -15.50 -16.16
CA THR B 121 -11.66 -14.96 -16.55
C THR B 121 -11.61 -14.74 -18.06
N LYS B 122 -11.24 -13.51 -18.43
CA LYS B 122 -11.27 -13.09 -19.85
C LYS B 122 -9.84 -13.02 -20.42
N GLY B 123 -8.87 -12.58 -19.64
CA GLY B 123 -7.50 -12.62 -20.18
C GLY B 123 -7.16 -11.37 -20.97
N PRO B 124 -5.92 -10.84 -20.89
CA PRO B 124 -5.56 -9.58 -21.51
C PRO B 124 -5.25 -9.55 -23.00
N SER B 125 -5.64 -8.47 -23.68
CA SER B 125 -5.25 -8.28 -25.09
C SER B 125 -4.31 -7.08 -25.07
N VAL B 126 -3.16 -7.17 -25.71
CA VAL B 126 -2.16 -6.11 -25.62
C VAL B 126 -1.99 -5.50 -27.02
N PHE B 127 -2.12 -4.19 -27.10
CA PHE B 127 -1.89 -3.48 -28.36
C PHE B 127 -0.81 -2.42 -28.17
N PRO B 128 0.01 -2.17 -29.18
CA PRO B 128 1.09 -1.18 -29.04
C PRO B 128 0.65 0.24 -29.32
N LEU B 129 0.72 1.06 -28.28
CA LEU B 129 0.54 2.51 -28.38
C LEU B 129 1.86 3.03 -28.95
N ALA B 130 1.98 2.97 -30.28
CA ALA B 130 3.19 3.25 -31.02
C ALA B 130 3.50 4.75 -31.00
N PRO B 131 4.77 5.12 -31.11
CA PRO B 131 5.13 6.54 -31.18
C PRO B 131 5.00 6.97 -32.64
N SER B 132 5.32 8.24 -32.91
CA SER B 132 5.40 8.77 -34.25
C SER B 132 6.18 10.07 -34.20
N SER B 133 6.68 10.51 -35.35
CA SER B 133 7.52 11.70 -35.39
C SER B 133 6.84 13.06 -35.35
N LYS B 134 5.52 13.11 -35.45
CA LYS B 134 4.80 14.38 -35.45
C LYS B 134 4.23 14.73 -34.08
N SER B 135 3.82 13.73 -33.30
CA SER B 135 3.22 13.97 -31.99
C SER B 135 4.24 13.99 -30.86
N THR B 136 5.49 13.64 -31.13
CA THR B 136 6.53 13.65 -30.12
C THR B 136 6.87 15.07 -29.70
N SER B 137 7.31 15.23 -28.45
CA SER B 137 7.66 16.53 -27.90
C SER B 137 9.17 16.72 -27.99
N GLY B 138 9.64 17.07 -29.18
CA GLY B 138 11.07 17.37 -29.35
C GLY B 138 11.93 16.15 -29.11
N GLY B 139 12.89 16.29 -28.19
CA GLY B 139 13.85 15.25 -27.91
C GLY B 139 13.30 14.16 -27.01
N THR B 140 12.07 14.30 -26.54
CA THR B 140 11.40 13.27 -25.77
C THR B 140 10.12 12.74 -26.40
N ALA B 141 9.98 11.42 -26.44
CA ALA B 141 8.80 10.77 -27.00
C ALA B 141 8.22 9.81 -25.98
N ALA B 142 7.03 9.30 -26.27
CA ALA B 142 6.37 8.35 -25.39
C ALA B 142 5.95 7.13 -26.20
N LEU B 143 5.91 5.99 -25.53
CA LEU B 143 5.48 4.75 -26.17
C LEU B 143 4.87 3.84 -25.11
N GLY B 144 3.84 3.10 -25.49
CA GLY B 144 3.13 2.35 -24.47
C GLY B 144 2.49 1.08 -24.97
N CYS B 145 1.84 0.39 -24.04
CA CYS B 145 1.03 -0.78 -24.31
C CYS B 145 -0.34 -0.59 -23.68
N LEU B 146 -1.39 -0.79 -24.47
CA LEU B 146 -2.76 -0.72 -24.00
C LEU B 146 -3.28 -2.14 -23.84
N VAL B 147 -3.56 -2.54 -22.60
CA VAL B 147 -4.12 -3.85 -22.29
C VAL B 147 -5.63 -3.72 -22.15
N LYS B 148 -6.36 -4.64 -22.75
CA LYS B 148 -7.80 -4.49 -22.95
C LYS B 148 -8.50 -5.80 -22.62
N ASP B 149 -9.80 -5.67 -22.31
CA ASP B 149 -10.74 -6.78 -22.15
C ASP B 149 -10.18 -7.91 -21.28
N TYR B 150 -9.92 -7.58 -20.02
CA TYR B 150 -9.62 -8.58 -19.00
C TYR B 150 -10.40 -8.25 -17.74
N PHE B 151 -11.12 -9.23 -17.21
CA PHE B 151 -11.90 -9.00 -15.99
C PHE B 151 -11.05 -9.14 -14.72
N PRO B 152 -10.25 -10.19 -14.55
CA PRO B 152 -9.43 -10.28 -13.33
C PRO B 152 -8.50 -9.07 -13.21
N GLU B 153 -8.69 -8.29 -12.16
CA GLU B 153 -7.97 -7.03 -12.00
C GLU B 153 -6.44 -7.16 -12.00
N PRO B 154 -5.82 -8.08 -11.25
CA PRO B 154 -4.35 -8.05 -11.17
C PRO B 154 -3.68 -8.32 -12.50
N VAL B 155 -3.07 -7.27 -13.05
CA VAL B 155 -2.26 -7.36 -14.25
C VAL B 155 -0.92 -6.70 -13.97
N THR B 156 0.16 -7.41 -14.27
CA THR B 156 1.51 -6.93 -13.99
C THR B 156 2.17 -6.52 -15.30
N VAL B 157 2.48 -5.23 -15.43
CA VAL B 157 3.11 -4.70 -16.64
C VAL B 157 4.52 -4.25 -16.30
N SER B 158 5.48 -4.79 -17.04
CA SER B 158 6.88 -4.40 -16.90
C SER B 158 7.42 -4.04 -18.28
N TRP B 159 8.51 -3.29 -18.30
CA TRP B 159 9.11 -2.86 -19.56
C TRP B 159 10.56 -3.29 -19.59
N ASN B 160 10.94 -4.03 -20.63
CA ASN B 160 12.27 -4.62 -20.75
C ASN B 160 12.60 -5.51 -19.56
N SER B 161 11.57 -6.18 -19.03
CA SER B 161 11.69 -7.10 -17.89
C SER B 161 12.37 -6.43 -16.70
N GLY B 162 12.01 -5.16 -16.46
CA GLY B 162 12.57 -4.42 -15.36
C GLY B 162 13.88 -3.72 -15.65
N ALA B 163 14.35 -3.74 -16.90
CA ALA B 163 15.58 -3.03 -17.22
C ALA B 163 15.42 -1.53 -17.04
N LEU B 164 14.27 -0.98 -17.42
CA LEU B 164 13.95 0.42 -17.18
C LEU B 164 12.66 0.50 -16.37
N THR B 165 12.68 1.32 -15.32
CA THR B 165 11.51 1.53 -14.48
C THR B 165 11.28 3.03 -14.32
N SER B 166 12.35 3.81 -14.46
CA SER B 166 12.23 5.25 -14.45
C SER B 166 11.48 5.72 -15.68
N GLY B 167 10.52 6.62 -15.48
CA GLY B 167 9.73 7.16 -16.56
C GLY B 167 8.54 6.31 -16.98
N VAL B 168 8.28 5.19 -16.30
CA VAL B 168 7.15 4.34 -16.63
C VAL B 168 5.94 4.80 -15.84
N HIS B 169 4.77 4.77 -16.48
CA HIS B 169 3.52 5.20 -15.86
C HIS B 169 2.46 4.17 -16.21
N THR B 170 1.99 3.44 -15.20
CA THR B 170 0.96 2.43 -15.35
C THR B 170 -0.30 2.96 -14.68
N PHE B 171 -1.21 3.50 -15.48
CA PHE B 171 -2.43 4.06 -14.94
C PHE B 171 -3.33 2.96 -14.37
N PRO B 172 -4.13 3.30 -13.36
CA PRO B 172 -5.06 2.30 -12.82
C PRO B 172 -6.02 1.79 -13.88
N ALA B 173 -6.40 0.52 -13.75
CA ALA B 173 -7.31 -0.08 -14.71
C ALA B 173 -8.66 0.63 -14.71
N VAL B 174 -9.19 0.87 -15.90
CA VAL B 174 -10.49 1.51 -16.06
C VAL B 174 -11.54 0.42 -16.31
N LEU B 175 -12.68 0.56 -15.64
CA LEU B 175 -13.78 -0.41 -15.75
C LEU B 175 -14.67 0.01 -16.91
N GLN B 176 -14.53 -0.70 -18.04
CA GLN B 176 -15.37 -0.43 -19.20
C GLN B 176 -16.82 -0.78 -18.91
N SER B 177 -17.68 -0.46 -19.88
CA SER B 177 -19.11 -0.71 -19.72
C SER B 177 -19.41 -2.19 -19.60
N SER B 178 -18.75 -3.03 -20.40
CA SER B 178 -19.06 -4.45 -20.45
C SER B 178 -18.24 -5.25 -19.44
N GLY B 179 -18.22 -4.80 -18.18
CA GLY B 179 -17.69 -5.59 -17.09
C GLY B 179 -16.19 -5.74 -17.03
N LEU B 180 -15.52 -5.61 -18.17
CA LEU B 180 -14.09 -5.88 -18.24
C LEU B 180 -13.29 -4.63 -17.96
N TYR B 181 -12.00 -4.83 -17.66
CA TYR B 181 -11.09 -3.73 -17.37
C TYR B 181 -10.14 -3.51 -18.54
N SER B 182 -9.36 -2.43 -18.42
CA SER B 182 -8.33 -2.07 -19.39
C SER B 182 -7.46 -0.99 -18.77
N LEU B 183 -6.22 -0.91 -19.23
CA LEU B 183 -5.33 0.16 -18.79
C LEU B 183 -4.28 0.39 -19.87
N SER B 184 -3.46 1.41 -19.64
CA SER B 184 -2.34 1.73 -20.51
C SER B 184 -1.16 1.98 -19.59
N SER B 185 0.00 1.55 -20.03
CA SER B 185 1.26 1.83 -19.34
C SER B 185 2.17 2.43 -20.40
N VAL B 186 2.66 3.65 -20.15
CA VAL B 186 3.42 4.38 -21.15
C VAL B 186 4.75 4.75 -20.50
N VAL B 187 5.83 4.62 -21.26
CA VAL B 187 7.16 5.04 -20.84
C VAL B 187 7.61 6.17 -21.74
N THR B 188 8.20 7.20 -21.14
CA THR B 188 8.78 8.32 -21.86
C THR B 188 10.27 8.08 -22.03
N VAL B 189 10.69 8.06 -23.29
CA VAL B 189 12.12 7.74 -23.60
C VAL B 189 12.69 8.86 -24.45
N PRO B 190 14.02 9.00 -24.60
CA PRO B 190 14.57 10.02 -25.48
C PRO B 190 14.22 9.67 -26.93
N SER B 191 14.12 10.69 -27.78
CA SER B 191 13.69 10.46 -29.19
C SER B 191 14.75 9.69 -29.99
N SER B 192 16.04 9.77 -29.62
CA SER B 192 17.02 8.95 -30.34
C SER B 192 16.93 7.47 -29.97
N SER B 193 16.31 7.14 -28.85
CA SER B 193 16.25 5.77 -28.36
C SER B 193 15.03 5.00 -28.87
N LEU B 194 14.27 5.57 -29.80
CA LEU B 194 13.04 4.93 -30.24
C LEU B 194 13.33 3.69 -31.07
N GLY B 195 14.24 3.79 -32.03
CA GLY B 195 14.47 2.70 -32.98
C GLY B 195 15.71 1.88 -32.72
N THR B 196 16.55 2.31 -31.77
CA THR B 196 17.77 1.60 -31.43
C THR B 196 17.66 0.65 -30.23
N GLN B 197 16.92 1.07 -29.21
CA GLN B 197 16.70 0.23 -28.03
C GLN B 197 15.32 -0.39 -28.18
N THR B 198 15.26 -1.72 -28.12
CA THR B 198 14.01 -2.42 -28.35
C THR B 198 13.14 -2.47 -27.09
N TYR B 199 11.95 -1.91 -27.20
CA TYR B 199 11.01 -1.84 -26.08
C TYR B 199 9.98 -2.94 -26.23
N ILE B 200 9.95 -3.86 -25.25
CA ILE B 200 8.91 -4.87 -25.16
C ILE B 200 8.22 -4.70 -23.81
N CYS B 201 6.90 -4.81 -23.82
CA CYS B 201 6.12 -4.78 -22.58
C CYS B 201 5.76 -6.16 -22.04
N ASN B 202 6.08 -6.37 -20.78
CA ASN B 202 5.67 -7.59 -20.06
C ASN B 202 4.34 -7.55 -19.32
N VAL B 203 3.32 -8.13 -19.94
CA VAL B 203 1.97 -8.16 -19.40
C VAL B 203 1.65 -9.55 -18.89
N ASN B 204 1.54 -9.68 -17.57
CA ASN B 204 1.32 -10.95 -16.90
C ASN B 204 -0.04 -10.95 -16.24
N HIS B 205 -0.85 -11.97 -16.54
CA HIS B 205 -2.17 -12.14 -15.94
C HIS B 205 -2.11 -13.38 -15.05
N LYS B 206 -1.94 -13.16 -13.75
CA LYS B 206 -1.79 -14.28 -12.82
C LYS B 206 -3.01 -15.19 -12.78
N PRO B 207 -4.25 -14.70 -12.72
CA PRO B 207 -5.39 -15.64 -12.70
C PRO B 207 -5.45 -16.54 -13.91
N SER B 208 -5.07 -16.04 -15.08
CA SER B 208 -4.92 -16.85 -16.27
C SER B 208 -3.47 -17.32 -16.38
N ASN B 209 -3.09 -17.87 -17.53
CA ASN B 209 -1.70 -18.23 -17.80
C ASN B 209 -1.13 -17.38 -18.92
N THR B 210 -1.57 -16.12 -19.00
CA THR B 210 -1.23 -15.25 -20.11
C THR B 210 -0.02 -14.40 -19.75
N LYS B 211 1.02 -14.48 -20.57
CA LYS B 211 2.24 -13.69 -20.46
C LYS B 211 2.53 -13.19 -21.86
N VAL B 212 2.30 -11.91 -22.11
CA VAL B 212 2.50 -11.31 -23.43
C VAL B 212 3.76 -10.46 -23.38
N ASP B 213 4.74 -10.82 -24.20
CA ASP B 213 5.95 -10.03 -24.39
C ASP B 213 5.77 -9.31 -25.73
N LYS B 214 5.07 -8.19 -25.71
CA LYS B 214 4.66 -7.51 -26.94
C LYS B 214 5.60 -6.35 -27.24
N LYS B 215 6.17 -6.34 -28.44
CA LYS B 215 7.12 -5.32 -28.85
C LYS B 215 6.38 -4.08 -29.33
N VAL B 216 6.84 -2.91 -28.88
CA VAL B 216 6.29 -1.64 -29.32
C VAL B 216 7.24 -1.05 -30.35
N GLU B 217 6.75 -0.85 -31.57
CA GLU B 217 7.55 -0.28 -32.64
C GLU B 217 6.76 0.83 -33.32
N PRO B 218 7.44 1.83 -33.89
CA PRO B 218 6.73 2.84 -34.67
C PRO B 218 5.95 2.28 -35.85
N LYS B 219 4.80 2.90 -36.12
CA LYS B 219 3.97 2.43 -37.23
C LYS B 219 4.61 2.62 -38.59
N SER B 220 4.42 1.64 -39.47
CA SER B 220 5.04 1.66 -40.79
C SER B 220 4.05 2.28 -41.77
N ASP C 1 -17.86 0.78 19.38
CA ASP C 1 -16.90 -0.29 19.62
C ASP C 1 -15.47 0.21 19.39
N ILE C 2 -15.03 0.20 18.14
CA ILE C 2 -13.71 0.68 17.77
C ILE C 2 -13.84 1.68 16.62
N GLN C 3 -13.03 2.73 16.68
CA GLN C 3 -12.99 3.75 15.64
C GLN C 3 -11.61 4.38 15.66
N MET C 4 -11.19 4.94 14.51
CA MET C 4 -9.84 5.46 14.42
C MET C 4 -9.74 6.56 13.36
N THR C 5 -9.40 7.78 13.77
CA THR C 5 -9.45 8.92 12.83
C THR C 5 -8.07 9.54 12.57
N GLN C 6 -7.80 9.91 11.33
CA GLN C 6 -6.55 10.63 10.99
C GLN C 6 -7.04 11.98 10.48
N SER C 7 -6.67 13.07 11.15
CA SER C 7 -7.30 14.37 10.83
C SER C 7 -6.92 14.99 9.48
N PRO C 8 -5.66 15.39 9.20
CA PRO C 8 -5.36 16.18 7.99
C PRO C 8 -5.94 15.60 6.69
N SER C 9 -6.23 14.29 6.64
CA SER C 9 -6.67 13.62 5.41
C SER C 9 -5.84 14.10 4.19
N SER C 10 -6.48 14.51 3.11
CA SER C 10 -5.61 15.06 2.05
C SER C 10 -4.69 16.09 2.70
N LEU C 11 -3.40 16.07 2.40
CA LEU C 11 -2.53 17.12 2.94
C LEU C 11 -1.47 17.58 1.93
N SER C 12 -1.55 18.81 1.48
CA SER C 12 -0.46 19.30 0.63
C SER C 12 0.62 19.87 1.56
N ALA C 13 1.84 20.02 1.09
CA ALA C 13 2.94 20.53 1.92
C ALA C 13 4.17 20.62 1.02
N SER C 14 5.04 21.59 1.21
CA SER C 14 6.15 21.71 0.24
C SER C 14 7.37 20.91 0.70
N VAL C 15 8.42 20.87 -0.14
CA VAL C 15 9.64 20.07 0.18
C VAL C 15 10.49 20.84 1.20
N GLY C 16 10.83 20.20 2.31
CA GLY C 16 11.59 20.84 3.38
C GLY C 16 10.78 21.70 4.31
N ASP C 17 9.58 21.25 4.67
CA ASP C 17 8.76 21.94 5.65
C ASP C 17 8.18 20.95 6.65
N ARG C 18 8.04 21.40 7.90
CA ARG C 18 7.46 20.57 8.94
C ARG C 18 6.05 20.16 8.57
N VAL C 19 5.73 18.89 8.79
CA VAL C 19 4.39 18.37 8.54
C VAL C 19 3.91 17.63 9.78
N THR C 20 2.71 17.96 10.24
CA THR C 20 2.10 17.30 11.39
C THR C 20 0.80 16.66 10.95
N ILE C 21 0.72 15.34 11.08
CA ILE C 21 -0.49 14.58 10.80
C ILE C 21 -1.04 14.11 12.15
N THR C 22 -2.16 14.67 12.57
CA THR C 22 -2.71 14.33 13.88
C THR C 22 -3.63 13.14 13.78
N CYS C 23 -3.41 12.17 14.66
CA CYS C 23 -4.20 10.96 14.71
C CYS C 23 -5.12 11.14 15.91
N ARG C 24 -5.95 10.14 16.18
CA ARG C 24 -6.80 10.08 17.34
C ARG C 24 -7.23 8.63 17.53
N ALA C 25 -7.77 8.29 18.70
CA ALA C 25 -8.03 6.89 18.98
C ALA C 25 -9.49 6.58 19.33
N SER C 26 -10.15 7.53 20.00
CA SER C 26 -11.48 7.32 20.56
C SER C 26 -11.45 6.23 21.62
N GLN C 27 -10.25 5.75 21.95
CA GLN C 27 -10.05 4.79 23.01
C GLN C 27 -9.23 5.49 24.09
N ASP C 28 -9.59 5.30 25.36
CA ASP C 28 -8.87 6.02 26.44
C ASP C 28 -7.43 5.52 26.49
N ILE C 29 -7.21 4.29 26.04
CA ILE C 29 -5.85 3.71 26.14
C ILE C 29 -5.39 3.30 24.73
N SER C 30 -4.36 3.93 24.19
CA SER C 30 -3.78 3.50 22.88
C SER C 30 -2.31 3.90 22.97
N ASN C 31 -1.67 3.71 24.13
CA ASN C 31 -0.23 4.04 24.31
C ASN C 31 0.54 3.51 23.11
N TYR C 32 0.20 2.31 22.61
CA TYR C 32 0.90 1.65 21.48
C TYR C 32 0.33 2.05 20.12
N LEU C 33 0.94 3.04 19.51
CA LEU C 33 0.36 3.52 18.24
C LEU C 33 1.45 3.47 17.20
N ASN C 34 1.11 2.86 16.10
CA ASN C 34 2.12 2.71 15.06
C ASN C 34 1.78 3.55 13.84
N TRP C 35 2.81 4.04 13.18
CA TRP C 35 2.69 4.85 11.97
C TRP C 35 3.30 4.10 10.80
N TYR C 36 2.49 3.90 9.75
CA TYR C 36 2.90 3.22 8.53
C TYR C 36 2.88 4.19 7.37
N GLN C 37 3.69 3.90 6.36
CA GLN C 37 3.75 4.67 5.13
C GLN C 37 3.53 3.72 3.97
N GLN C 38 2.40 3.86 3.27
CA GLN C 38 2.04 3.00 2.16
C GLN C 38 2.18 3.80 0.87
N LYS C 39 3.17 3.46 0.06
CA LYS C 39 3.31 4.06 -1.24
C LYS C 39 2.21 3.58 -2.17
N PRO C 40 1.85 4.38 -3.18
CA PRO C 40 0.79 3.98 -4.11
C PRO C 40 1.17 2.70 -4.85
N GLY C 41 0.33 1.68 -4.70
CA GLY C 41 0.54 0.40 -5.35
C GLY C 41 1.46 -0.56 -4.61
N LYS C 42 2.00 -0.17 -3.47
CA LYS C 42 2.91 -0.99 -2.70
C LYS C 42 2.26 -1.41 -1.38
N ALA C 43 2.92 -2.34 -0.70
CA ALA C 43 2.47 -2.76 0.62
C ALA C 43 2.87 -1.70 1.65
N PRO C 44 2.13 -1.60 2.75
CA PRO C 44 2.52 -0.65 3.80
C PRO C 44 3.86 -1.05 4.40
N LYS C 45 4.65 -0.03 4.76
CA LYS C 45 5.93 -0.23 5.40
C LYS C 45 5.91 0.43 6.77
N LEU C 46 6.56 -0.20 7.74
CA LEU C 46 6.58 0.34 9.09
C LEU C 46 7.52 1.53 9.18
N LEU C 47 7.02 2.61 9.77
CA LEU C 47 7.82 3.79 10.06
C LEU C 47 8.06 3.97 11.55
N ILE C 48 7.01 3.95 12.35
CA ILE C 48 7.10 4.16 13.79
C ILE C 48 6.28 3.10 14.50
N TYR C 49 6.79 2.62 15.62
CA TYR C 49 6.02 1.73 16.49
C TYR C 49 6.12 2.20 17.93
N TYR C 50 5.04 1.99 18.68
CA TYR C 50 4.93 2.43 20.07
C TYR C 50 5.22 3.92 20.19
N THR C 51 4.30 4.71 19.62
CA THR C 51 4.31 6.16 19.77
C THR C 51 5.72 6.49 19.31
N SER C 52 6.46 7.26 20.10
CA SER C 52 7.77 7.74 19.66
C SER C 52 8.79 6.86 18.94
N ILE C 53 8.94 5.61 19.37
CA ILE C 53 10.08 4.79 18.97
C ILE C 53 10.05 4.53 17.48
N LEU C 54 11.11 4.95 16.79
CA LEU C 54 11.27 4.71 15.38
C LEU C 54 11.69 3.27 15.12
N HIS C 55 11.25 2.73 13.98
CA HIS C 55 11.57 1.36 13.60
C HIS C 55 12.87 1.31 12.82
N SER C 56 13.56 0.17 12.89
CA SER C 56 14.88 0.03 12.30
C SER C 56 14.84 0.30 10.79
N GLY C 57 15.80 1.12 10.34
CA GLY C 57 15.91 1.49 8.94
C GLY C 57 15.10 2.69 8.53
N VAL C 58 14.25 3.21 9.42
CA VAL C 58 13.43 4.37 9.12
C VAL C 58 14.24 5.63 9.37
N PRO C 59 14.23 6.60 8.46
CA PRO C 59 14.99 7.84 8.70
C PRO C 59 14.49 8.57 9.94
N SER C 60 15.42 9.14 10.70
CA SER C 60 15.10 9.89 11.91
C SER C 60 14.29 11.14 11.63
N ARG C 61 14.04 11.45 10.35
CA ARG C 61 13.20 12.58 10.00
C ARG C 61 11.78 12.40 10.55
N PHE C 62 11.24 11.20 10.43
CA PHE C 62 9.92 10.92 10.98
C PHE C 62 9.98 10.82 12.49
N SER C 63 8.93 11.32 13.16
CA SER C 63 8.85 11.24 14.60
C SER C 63 7.38 11.14 15.00
N GLY C 64 7.15 10.68 16.24
CA GLY C 64 5.80 10.54 16.75
C GLY C 64 5.67 11.16 18.13
N SER C 65 4.46 11.56 18.44
CA SER C 65 4.17 12.17 19.74
C SER C 65 2.76 11.76 20.16
N GLY C 66 2.31 12.29 21.29
CA GLY C 66 0.98 12.04 21.80
C GLY C 66 0.97 10.97 22.87
N SER C 67 0.08 11.15 23.85
CA SER C 67 0.02 10.19 24.95
C SER C 67 -1.31 9.45 25.03
N GLY C 68 -2.41 10.18 25.20
CA GLY C 68 -3.69 9.52 25.41
C GLY C 68 -4.41 9.04 24.18
N THR C 69 -4.89 10.00 23.38
CA THR C 69 -5.58 9.69 22.13
C THR C 69 -5.06 10.53 20.97
N ASP C 70 -4.69 11.78 21.24
CA ASP C 70 -4.21 12.67 20.21
C ASP C 70 -2.75 12.35 19.90
N TYR C 71 -2.51 11.72 18.76
CA TYR C 71 -1.16 11.37 18.34
C TYR C 71 -0.76 12.27 17.17
N THR C 72 0.54 12.32 16.92
CA THR C 72 1.07 13.31 15.98
C THR C 72 2.26 12.71 15.26
N PHE C 73 2.14 12.56 13.95
CA PHE C 73 3.26 12.17 13.10
C PHE C 73 3.91 13.43 12.55
N THR C 74 5.18 13.66 12.90
CA THR C 74 5.89 14.85 12.47
C THR C 74 6.98 14.47 11.47
N ILE C 75 7.07 15.24 10.39
CA ILE C 75 8.22 15.20 9.49
C ILE C 75 8.91 16.54 9.59
N SER C 76 10.23 16.50 9.88
CA SER C 76 10.97 17.73 10.10
C SER C 76 11.19 18.50 8.80
N SER C 77 11.44 17.80 7.70
CA SER C 77 11.66 18.45 6.42
C SER C 77 11.18 17.50 5.33
N LEU C 78 9.96 17.74 4.83
CA LEU C 78 9.39 16.88 3.81
C LEU C 78 10.26 16.86 2.56
N GLN C 79 10.36 15.69 1.96
CA GLN C 79 11.08 15.49 0.70
C GLN C 79 10.18 14.76 -0.27
N PRO C 80 10.43 14.86 -1.57
CA PRO C 80 9.54 14.23 -2.56
C PRO C 80 9.44 12.72 -2.43
N GLU C 81 10.24 12.09 -1.57
CA GLU C 81 10.14 10.65 -1.34
C GLU C 81 9.13 10.28 -0.26
N ASP C 82 8.21 11.19 0.09
CA ASP C 82 7.33 11.01 1.23
C ASP C 82 5.85 11.16 0.85
N ILE C 83 5.52 11.01 -0.43
CA ILE C 83 4.21 11.39 -0.93
C ILE C 83 3.24 10.23 -0.72
N ALA C 84 3.68 9.22 0.01
CA ALA C 84 2.84 8.06 0.27
C ALA C 84 1.69 8.43 1.21
N THR C 85 0.75 7.50 1.34
CA THR C 85 -0.37 7.66 2.26
C THR C 85 0.04 7.14 3.63
N TYR C 86 -0.14 7.97 4.65
CA TYR C 86 0.33 7.65 6.00
C TYR C 86 -0.83 7.13 6.85
N PHE C 87 -0.67 5.92 7.36
CA PHE C 87 -1.72 5.25 8.11
C PHE C 87 -1.31 5.14 9.58
N CYS C 88 -2.31 5.09 10.44
CA CYS C 88 -2.11 4.89 11.86
C CYS C 88 -2.30 3.41 12.22
N GLN C 89 -2.24 3.11 13.51
CA GLN C 89 -2.68 1.84 14.05
C GLN C 89 -2.85 1.95 15.56
N GLN C 90 -3.61 1.02 16.12
CA GLN C 90 -3.64 0.80 17.56
C GLN C 90 -3.47 -0.64 17.99
N GLY C 91 -2.85 -0.85 19.15
CA GLY C 91 -2.94 -2.14 19.77
C GLY C 91 -3.45 -2.06 21.19
N ASP C 92 -4.74 -2.32 21.38
CA ASP C 92 -5.27 -2.58 22.72
C ASP C 92 -6.40 -3.59 22.73
N THR C 93 -6.76 -4.17 21.58
CA THR C 93 -7.92 -5.04 21.49
C THR C 93 -7.61 -6.11 20.44
N LEU C 94 -8.54 -7.05 20.29
CA LEU C 94 -8.37 -8.12 19.30
C LEU C 94 -8.20 -7.60 17.88
N PRO C 95 -9.00 -6.65 17.39
CA PRO C 95 -8.74 -6.11 16.04
C PRO C 95 -7.69 -5.01 16.07
N PRO C 96 -6.56 -5.18 15.40
CA PRO C 96 -5.63 -4.05 15.20
C PRO C 96 -6.09 -3.14 14.07
N THR C 97 -7.09 -2.31 14.37
CA THR C 97 -7.67 -1.44 13.35
C THR C 97 -6.73 -0.31 12.99
N PHE C 98 -6.78 0.10 11.72
CA PHE C 98 -5.93 1.18 11.23
C PHE C 98 -6.74 2.48 11.19
N GLY C 99 -6.12 3.56 10.71
CA GLY C 99 -6.81 4.81 10.48
C GLY C 99 -7.43 4.87 9.11
N GLY C 100 -8.06 6.01 8.82
CA GLY C 100 -8.65 6.22 7.52
C GLY C 100 -7.65 6.48 6.42
N GLY C 101 -6.42 6.85 6.78
CA GLY C 101 -5.40 7.11 5.80
C GLY C 101 -5.29 8.57 5.45
N THR C 102 -4.20 9.21 5.87
CA THR C 102 -3.95 10.62 5.56
C THR C 102 -3.09 10.68 4.31
N LYS C 103 -3.68 11.09 3.20
CA LYS C 103 -2.92 11.24 1.97
C LYS C 103 -2.06 12.48 2.02
N LEU C 104 -0.75 12.30 1.84
CA LEU C 104 0.19 13.40 1.82
C LEU C 104 0.60 13.66 0.38
N GLU C 105 0.38 14.88 -0.08
CA GLU C 105 0.78 15.31 -1.41
C GLU C 105 1.72 16.48 -1.23
N ILE C 106 2.83 16.46 -1.97
CA ILE C 106 3.81 17.54 -1.90
C ILE C 106 3.28 18.70 -2.73
N LYS C 107 3.35 19.91 -2.18
CA LYS C 107 2.87 21.11 -2.88
C LYS C 107 4.06 21.81 -3.54
N ARG C 108 4.42 21.31 -4.72
CA ARG C 108 5.53 21.85 -5.48
C ARG C 108 5.05 23.03 -6.32
N THR C 109 5.89 23.51 -7.23
CA THR C 109 5.53 24.59 -8.11
C THR C 109 4.56 24.06 -9.17
N VAL C 110 4.19 24.92 -10.12
CA VAL C 110 3.25 24.54 -11.17
C VAL C 110 4.02 24.29 -12.45
N ALA C 111 3.75 23.14 -13.06
CA ALA C 111 4.40 22.74 -14.30
C ALA C 111 3.34 22.39 -15.34
N ALA C 112 3.61 22.77 -16.57
CA ALA C 112 2.68 22.52 -17.67
C ALA C 112 2.75 21.06 -18.09
N PRO C 113 1.62 20.37 -18.24
CA PRO C 113 1.64 18.98 -18.71
C PRO C 113 2.19 18.89 -20.13
N SER C 114 2.87 17.79 -20.42
CA SER C 114 3.28 17.47 -21.78
C SER C 114 2.26 16.51 -22.38
N VAL C 115 1.77 16.83 -23.57
CA VAL C 115 0.63 16.13 -24.16
C VAL C 115 1.10 15.32 -25.36
N PHE C 116 0.67 14.06 -25.41
CA PHE C 116 0.92 13.18 -26.54
C PHE C 116 -0.39 12.50 -26.95
N ILE C 117 -0.50 12.17 -28.23
CA ILE C 117 -1.67 11.49 -28.76
C ILE C 117 -1.20 10.24 -29.50
N PHE C 118 -1.97 9.16 -29.34
CA PHE C 118 -1.58 7.88 -29.94
C PHE C 118 -2.76 7.30 -30.70
N PRO C 119 -2.62 7.08 -32.00
CA PRO C 119 -3.73 6.51 -32.78
C PRO C 119 -3.99 5.07 -32.40
N PRO C 120 -5.19 4.55 -32.68
CA PRO C 120 -5.44 3.13 -32.43
C PRO C 120 -4.53 2.25 -33.29
N SER C 121 -4.17 1.10 -32.74
CA SER C 121 -3.25 0.20 -33.43
C SER C 121 -3.94 -0.51 -34.60
N ASP C 122 -3.15 -0.88 -35.60
CA ASP C 122 -3.68 -1.64 -36.72
C ASP C 122 -4.22 -2.99 -36.26
N GLU C 123 -3.63 -3.57 -35.21
CA GLU C 123 -4.16 -4.79 -34.64
C GLU C 123 -5.57 -4.76 -34.06
N GLN C 124 -5.90 -3.66 -33.37
CA GLN C 124 -7.25 -3.54 -32.79
C GLN C 124 -8.37 -3.29 -33.82
N LEU C 125 -7.96 -3.02 -35.06
CA LEU C 125 -8.91 -2.82 -36.14
C LEU C 125 -9.48 -4.21 -36.36
N LYS C 126 -8.66 -5.25 -36.23
CA LYS C 126 -9.14 -6.60 -36.39
C LYS C 126 -10.13 -6.97 -35.28
N SER C 127 -9.92 -6.43 -34.08
CA SER C 127 -10.79 -6.75 -32.95
C SER C 127 -12.17 -6.11 -33.06
N GLY C 128 -12.38 -5.19 -33.99
CA GLY C 128 -13.67 -4.56 -34.17
C GLY C 128 -14.07 -3.33 -33.40
N THR C 129 -13.13 -2.67 -32.73
CA THR C 129 -13.33 -1.42 -32.04
C THR C 129 -11.97 -0.82 -31.77
N ALA C 130 -11.82 0.48 -31.96
CA ALA C 130 -10.54 1.16 -31.85
C ALA C 130 -10.53 2.08 -30.63
N SER C 131 -9.34 2.42 -30.17
CA SER C 131 -9.18 3.28 -29.01
C SER C 131 -8.03 4.25 -29.23
N VAL C 132 -8.32 5.53 -29.14
CA VAL C 132 -7.31 6.59 -29.16
C VAL C 132 -6.95 6.90 -27.72
N VAL C 133 -5.70 7.31 -27.51
CA VAL C 133 -5.26 7.57 -26.12
C VAL C 133 -4.59 8.94 -26.03
N CYS C 134 -4.97 9.75 -25.03
CA CYS C 134 -4.28 11.05 -24.79
C CYS C 134 -3.42 10.97 -23.54
N LEU C 135 -2.16 11.40 -23.63
CA LEU C 135 -1.23 11.31 -22.47
C LEU C 135 -0.84 12.69 -21.98
N LEU C 136 -1.05 12.97 -20.70
CA LEU C 136 -0.55 14.20 -20.09
C LEU C 136 0.47 13.82 -19.03
N ASN C 137 1.66 14.39 -19.12
CA ASN C 137 2.79 13.94 -18.31
C ASN C 137 3.35 15.09 -17.51
N ASN C 138 3.71 14.80 -16.25
CA ASN C 138 4.56 15.67 -15.43
C ASN C 138 3.94 17.06 -15.26
N PHE C 139 2.77 17.08 -14.61
CA PHE C 139 2.09 18.36 -14.35
C PHE C 139 1.75 18.35 -12.87
N TYR C 140 1.99 19.45 -12.15
CA TYR C 140 1.73 19.33 -10.69
C TYR C 140 0.26 19.44 -10.27
N PRO C 141 -0.48 20.55 -10.40
CA PRO C 141 -1.80 20.62 -9.79
C PRO C 141 -2.60 19.52 -10.53
N ARG C 142 -3.15 18.54 -9.80
CA ARG C 142 -3.87 17.45 -10.45
C ARG C 142 -4.82 17.98 -11.52
N GLU C 143 -5.39 19.17 -11.32
CA GLU C 143 -6.49 19.63 -12.14
C GLU C 143 -6.04 19.84 -13.58
N ALA C 144 -6.73 19.18 -14.51
CA ALA C 144 -6.48 19.33 -15.94
C ALA C 144 -7.72 18.84 -16.66
N LYS C 145 -8.05 19.48 -17.78
CA LYS C 145 -9.23 19.11 -18.56
C LYS C 145 -8.78 18.66 -19.94
N VAL C 146 -9.29 17.51 -20.37
CA VAL C 146 -8.98 16.92 -21.66
C VAL C 146 -10.28 16.79 -22.44
N GLN C 147 -10.29 17.29 -23.67
CA GLN C 147 -11.45 17.20 -24.55
C GLN C 147 -11.03 16.63 -25.90
N TRP C 148 -11.98 15.94 -26.54
CA TRP C 148 -11.74 15.22 -27.78
C TRP C 148 -12.45 15.94 -28.91
N LYS C 149 -11.71 16.26 -29.97
CA LYS C 149 -12.24 16.96 -31.13
C LYS C 149 -12.15 16.02 -32.33
N VAL C 150 -13.30 15.59 -32.84
CA VAL C 150 -13.38 14.77 -34.04
C VAL C 150 -14.17 15.56 -35.07
N ASP C 151 -13.49 15.97 -36.15
CA ASP C 151 -14.06 16.90 -37.13
C ASP C 151 -14.56 18.17 -36.44
N ASN C 152 -13.80 18.64 -35.46
CA ASN C 152 -14.13 19.82 -34.67
C ASN C 152 -15.50 19.67 -34.00
N ALA C 153 -15.79 18.47 -33.52
CA ALA C 153 -17.04 18.17 -32.82
C ALA C 153 -16.76 17.56 -31.46
N LEU C 154 -17.43 18.07 -30.44
CA LEU C 154 -17.26 17.58 -29.08
C LEU C 154 -18.19 16.40 -28.80
N GLN C 155 -17.63 15.29 -28.32
CA GLN C 155 -18.40 14.13 -27.93
C GLN C 155 -18.12 13.79 -26.48
N SER C 156 -19.10 13.19 -25.82
CA SER C 156 -18.98 12.80 -24.42
C SER C 156 -19.57 11.42 -24.22
N GLY C 157 -19.13 10.77 -23.14
CA GLY C 157 -19.61 9.45 -22.81
C GLY C 157 -18.85 8.31 -23.46
N ASN C 158 -17.95 8.59 -24.39
CA ASN C 158 -17.13 7.57 -25.02
C ASN C 158 -15.67 7.67 -24.60
N SER C 159 -15.37 8.49 -23.59
CA SER C 159 -14.01 8.72 -23.15
C SER C 159 -13.92 8.45 -21.66
N GLN C 160 -12.81 7.84 -21.25
CA GLN C 160 -12.54 7.51 -19.86
C GLN C 160 -11.22 8.16 -19.45
N GLU C 161 -11.16 8.58 -18.18
CA GLU C 161 -10.00 9.27 -17.64
C GLU C 161 -9.51 8.47 -16.45
N SER C 162 -8.19 8.31 -16.34
CA SER C 162 -7.54 7.72 -15.19
C SER C 162 -6.31 8.55 -14.89
N VAL C 163 -5.98 8.72 -13.61
CA VAL C 163 -4.90 9.60 -13.19
C VAL C 163 -4.02 8.81 -12.23
N THR C 164 -2.71 9.01 -12.33
CA THR C 164 -1.76 8.34 -11.45
C THR C 164 -1.70 9.09 -10.12
N GLU C 165 -0.72 8.71 -9.30
CA GLU C 165 -0.41 9.39 -8.06
C GLU C 165 0.90 10.16 -8.23
N GLN C 166 1.26 10.92 -7.21
CA GLN C 166 2.49 11.70 -7.28
C GLN C 166 3.72 10.79 -7.29
N ASP C 167 4.49 10.85 -8.36
CA ASP C 167 5.73 10.11 -8.38
C ASP C 167 6.76 10.78 -7.47
N SER C 168 7.68 9.97 -6.94
CA SER C 168 8.60 10.47 -5.93
C SER C 168 9.75 11.24 -6.54
N LYS C 169 9.96 11.14 -7.86
CA LYS C 169 11.09 11.82 -8.50
C LYS C 169 10.89 13.33 -8.51
N ASP C 170 9.71 13.80 -8.94
CA ASP C 170 9.47 15.24 -9.03
C ASP C 170 8.09 15.64 -8.53
N SER C 171 7.34 14.75 -7.88
CA SER C 171 6.02 15.04 -7.32
C SER C 171 5.08 15.66 -8.37
N THR C 172 4.90 14.95 -9.48
CA THR C 172 4.03 15.38 -10.56
C THR C 172 3.00 14.29 -10.84
N TYR C 173 2.07 14.58 -11.75
CA TYR C 173 0.98 13.68 -12.09
C TYR C 173 1.03 13.29 -13.56
N SER C 174 0.41 12.17 -13.88
CA SER C 174 0.20 11.77 -15.26
C SER C 174 -1.26 11.36 -15.41
N LEU C 175 -1.82 11.65 -16.58
CA LEU C 175 -3.21 11.35 -16.90
C LEU C 175 -3.29 10.69 -18.27
N SER C 176 -4.21 9.75 -18.40
CA SER C 176 -4.49 9.10 -19.68
C SER C 176 -5.98 9.17 -19.94
N SER C 177 -6.35 9.65 -21.13
CA SER C 177 -7.73 9.70 -21.57
C SER C 177 -7.88 8.80 -22.79
N THR C 178 -8.81 7.86 -22.72
CA THR C 178 -9.04 6.92 -23.82
C THR C 178 -10.38 7.24 -24.48
N LEU C 179 -10.39 7.19 -25.80
CA LEU C 179 -11.58 7.43 -26.62
C LEU C 179 -11.87 6.16 -27.38
N THR C 180 -13.00 5.53 -27.06
CA THR C 180 -13.37 4.23 -27.63
C THR C 180 -14.30 4.40 -28.82
N LEU C 181 -13.88 3.93 -29.99
CA LEU C 181 -14.68 3.87 -31.19
C LEU C 181 -14.97 2.50 -31.75
N SER C 182 -16.06 2.37 -32.49
CA SER C 182 -16.33 1.12 -33.19
C SER C 182 -15.56 1.28 -34.50
N LYS C 183 -15.48 0.19 -35.27
CA LYS C 183 -14.86 0.27 -36.58
C LYS C 183 -15.71 1.07 -37.55
N ALA C 184 -17.03 1.07 -37.37
CA ALA C 184 -17.90 1.79 -38.29
C ALA C 184 -17.67 3.29 -38.22
N ASP C 185 -17.67 3.86 -37.02
CA ASP C 185 -17.57 5.31 -36.86
C ASP C 185 -16.13 5.82 -36.78
N TYR C 186 -15.13 4.94 -36.66
CA TYR C 186 -13.76 5.40 -36.60
C TYR C 186 -13.22 5.80 -37.97
N GLU C 187 -13.58 5.06 -39.02
CA GLU C 187 -13.01 5.25 -40.34
C GLU C 187 -13.66 6.40 -41.12
N LYS C 188 -14.81 6.89 -40.68
CA LYS C 188 -15.51 7.94 -41.38
C LYS C 188 -15.02 9.34 -41.03
N HIS C 189 -14.10 9.46 -40.08
CA HIS C 189 -13.56 10.75 -39.68
C HIS C 189 -12.07 10.81 -40.04
N LYS C 190 -11.59 12.02 -40.30
CA LYS C 190 -10.24 12.24 -40.81
C LYS C 190 -9.25 12.63 -39.73
N VAL C 191 -9.61 13.58 -38.87
CA VAL C 191 -8.68 14.14 -37.89
C VAL C 191 -9.23 13.87 -36.49
N TYR C 192 -8.34 13.50 -35.58
CA TYR C 192 -8.66 13.37 -34.16
C TYR C 192 -7.71 14.25 -33.38
N ALA C 193 -8.25 15.08 -32.49
CA ALA C 193 -7.45 16.07 -31.78
C ALA C 193 -7.74 16.00 -30.29
N CYS C 194 -6.72 16.31 -29.51
CA CYS C 194 -6.79 16.36 -28.06
C CYS C 194 -6.51 17.80 -27.64
N GLU C 195 -7.47 18.38 -26.92
CA GLU C 195 -7.35 19.74 -26.40
C GLU C 195 -7.16 19.63 -24.89
N VAL C 196 -6.07 20.21 -24.39
CA VAL C 196 -5.72 20.10 -22.98
C VAL C 196 -5.65 21.50 -22.37
N THR C 197 -6.35 21.68 -21.25
CA THR C 197 -6.29 22.93 -20.50
C THR C 197 -5.78 22.65 -19.09
N HIS C 198 -4.81 23.45 -18.66
CA HIS C 198 -4.24 23.35 -17.33
C HIS C 198 -4.00 24.76 -16.81
N GLN C 199 -4.02 24.92 -15.49
CA GLN C 199 -3.83 26.24 -14.90
C GLN C 199 -2.42 26.77 -15.14
N GLY C 200 -1.48 25.91 -15.50
CA GLY C 200 -0.15 26.33 -15.87
C GLY C 200 0.04 26.64 -17.34
N LEU C 201 -1.01 26.49 -18.15
CA LEU C 201 -0.95 26.74 -19.59
C LEU C 201 -1.64 28.05 -19.91
N SER C 202 -0.95 28.92 -20.65
CA SER C 202 -1.58 30.16 -21.10
C SER C 202 -2.71 29.88 -22.07
N SER C 203 -2.51 28.97 -23.01
CA SER C 203 -3.52 28.57 -23.97
C SER C 203 -3.59 27.05 -24.03
N PRO C 204 -4.76 26.49 -24.34
CA PRO C 204 -4.87 25.03 -24.42
C PRO C 204 -3.93 24.44 -25.46
N VAL C 205 -3.38 23.27 -25.14
CA VAL C 205 -2.47 22.57 -26.03
C VAL C 205 -3.27 21.65 -26.93
N THR C 206 -2.95 21.69 -28.21
CA THR C 206 -3.63 20.90 -29.24
C THR C 206 -2.67 19.85 -29.77
N LYS C 207 -3.07 18.58 -29.72
CA LYS C 207 -2.31 17.51 -30.35
C LYS C 207 -3.25 16.70 -31.24
N SER C 208 -3.00 16.72 -32.54
CA SER C 208 -3.93 16.12 -33.48
C SER C 208 -3.19 15.18 -34.44
N PHE C 209 -3.90 14.16 -34.90
CA PHE C 209 -3.40 13.27 -35.93
C PHE C 209 -4.49 13.04 -36.96
N ASN C 210 -4.09 12.98 -38.23
CA ASN C 210 -5.01 12.76 -39.33
C ASN C 210 -4.65 11.45 -40.03
N ARG C 211 -5.46 11.10 -41.03
CA ARG C 211 -5.26 9.86 -41.76
C ARG C 211 -4.29 10.08 -42.92
N GLY C 212 -4.02 9.01 -43.66
CA GLY C 212 -3.09 9.07 -44.77
C GLY C 212 -1.66 8.74 -44.38
N GLU C 213 -1.06 9.58 -43.53
CA GLU C 213 0.32 9.31 -43.09
C GLU C 213 0.35 8.21 -42.05
N CYS C 214 -0.80 7.84 -41.50
CA CYS C 214 -0.87 6.78 -40.50
C CYS C 214 -0.59 5.41 -41.12
#